data_7EBD
#
_entry.id   7EBD
#
_cell.length_a   94.534
_cell.length_b   86.995
_cell.length_c   35.223
_cell.angle_alpha   90.000
_cell.angle_beta   90.000
_cell.angle_gamma   90.000
#
_symmetry.space_group_name_H-M   'P 21 21 2'
#
loop_
_entity.id
_entity.type
_entity.pdbx_description
1 polymer 'TIR-like domain-containing protein'
2 non-polymer 'ACETATE ION'
3 non-polymer "9,9'-[(2R,3R,3aS,5S,7aR,9R,10R,10aS,12S,14aR)-3,5,10,12-tetrahydroxy-5,12-dioxidooctahydro-2H,7H-difuro[3,2-d:3',2'-j][1,3,7,9,2,8]tetraoxadiphosphacyclododecine-2,9-diyl]bis(2-amino-1,9-dihydro-6H-purin-6-one)"
4 water water
#
_entity_poly.entity_id   1
_entity_poly.type   'polypeptide(L)'
_entity_poly.pdbx_seq_one_letter_code
;SGGGLPSTVIAISYFEGFVKLAAEWIVTE(MSE)PTTEIDGKTYTSGKLYIK(MSE)PETLDTDIKKSA(MSE)LFYKKQ
GLNETQ(MSE)STNHRNYPIHIVSKEEGDTLEVYD(MSE)PTILSGIDKAID(MSE)YFRVGHIGKTTEQQLAEDNE
(MSE)NNFKRVLQLLINEDSFCRECVEILRQA
;
_entity_poly.pdbx_strand_id   A,B
#
loop_
_chem_comp.id
_chem_comp.type
_chem_comp.name
_chem_comp.formula
ACT non-polymer 'ACETATE ION' 'C2 H3 O2 -1'
C2E non-polymer 9,9'-[(2R,3R,3aS,5S,7aR,9R,10R,10aS,12S,14aR)-3,5,10,12-tetrahydroxy-5,12-dioxidooctahydro-2H,7H-difuro[3,2-d:3',2'-j][1,3,7,9,2,8]tetraoxadiphosphacyclododecine-2,9-diyl]bis(2-amino-1,9-dihydro-6H-purin-6-one) 'C20 H24 N10 O14 P2'
#
# COMPACT_ATOMS: atom_id res chain seq x y z
N GLY A 4 -18.98 -6.46 -5.60
CA GLY A 4 -17.72 -5.86 -5.97
C GLY A 4 -17.52 -4.46 -5.39
N LEU A 5 -17.30 -4.40 -4.08
CA LEU A 5 -17.08 -3.13 -3.41
C LEU A 5 -15.59 -2.81 -3.39
N PRO A 6 -15.21 -1.56 -3.69
CA PRO A 6 -13.78 -1.20 -3.65
C PRO A 6 -13.17 -1.31 -2.27
N SER A 7 -13.97 -1.08 -1.21
CA SER A 7 -13.45 -1.24 0.15
C SER A 7 -13.04 -2.68 0.42
N THR A 8 -13.72 -3.64 -0.19
CA THR A 8 -13.33 -5.04 -0.05
C THR A 8 -11.93 -5.29 -0.59
N VAL A 9 -11.67 -4.81 -1.82
CA VAL A 9 -10.35 -4.99 -2.41
C VAL A 9 -9.29 -4.22 -1.62
N ILE A 10 -9.65 -3.04 -1.12
CA ILE A 10 -8.72 -2.27 -0.30
C ILE A 10 -8.35 -3.05 0.96
N ALA A 11 -9.36 -3.65 1.61
CA ALA A 11 -9.09 -4.45 2.80
C ALA A 11 -8.21 -5.65 2.48
N ILE A 12 -8.46 -6.31 1.35
CA ILE A 12 -7.66 -7.47 0.97
C ILE A 12 -6.21 -7.06 0.73
N SER A 13 -6.01 -5.95 0.00
CA SER A 13 -4.65 -5.48 -0.27
C SER A 13 -3.95 -5.08 1.01
N TYR A 14 -4.66 -4.40 1.91
CA TYR A 14 -4.07 -4.00 3.19
C TYR A 14 -3.69 -5.21 4.03
N PHE A 15 -4.52 -6.25 4.02
CA PHE A 15 -4.22 -7.45 4.79
C PHE A 15 -3.04 -8.21 4.20
N GLU A 16 -3.01 -8.35 2.87
CA GLU A 16 -1.95 -9.12 2.23
C GLU A 16 -0.60 -8.39 2.30
N GLY A 17 -0.62 -7.06 2.21
CA GLY A 17 0.60 -6.30 2.16
C GLY A 17 1.12 -5.76 3.47
N PHE A 18 0.42 -5.97 4.58
CA PHE A 18 0.88 -5.41 5.84
C PHE A 18 0.44 -6.23 7.06
N VAL A 19 -0.87 -6.37 7.25
CA VAL A 19 -1.38 -6.96 8.48
C VAL A 19 -0.87 -8.38 8.67
N LYS A 20 -0.97 -9.19 7.62
CA LYS A 20 -0.53 -10.59 7.71
C LYS A 20 0.95 -10.67 8.03
N LEU A 21 1.78 -9.88 7.33
CA LEU A 21 3.22 -9.91 7.55
C LEU A 21 3.57 -9.41 8.95
N ALA A 22 2.89 -8.36 9.41
CA ALA A 22 3.15 -7.83 10.74
C ALA A 22 2.78 -8.84 11.82
N ALA A 23 1.64 -9.51 11.67
CA ALA A 23 1.25 -10.53 12.64
C ALA A 23 2.23 -11.69 12.64
N GLU A 24 2.68 -12.11 11.45
CA GLU A 24 3.66 -13.19 11.39
C GLU A 24 4.96 -12.79 12.06
N TRP A 25 5.39 -11.54 11.88
CA TRP A 25 6.61 -11.07 12.55
C TRP A 25 6.42 -11.06 14.06
N ILE A 26 5.25 -10.59 14.53
CA ILE A 26 4.99 -10.53 15.96
C ILE A 26 5.04 -11.94 16.57
N VAL A 27 4.47 -12.91 15.86
CA VAL A 27 4.36 -14.26 16.44
C VAL A 27 5.68 -15.01 16.35
N THR A 28 6.35 -14.96 15.19
CA THR A 28 7.46 -15.87 14.94
C THR A 28 8.84 -15.23 15.01
N GLU A 29 8.93 -13.90 14.99
CA GLU A 29 10.24 -13.23 14.94
C GLU A 29 10.48 -12.28 16.10
N MSE A 30 9.46 -11.60 16.60
CA MSE A 30 9.62 -10.63 17.69
C MSE A 30 10.23 -11.20 18.99
O MSE A 30 11.10 -10.54 19.57
CB MSE A 30 8.27 -9.98 18.00
CG MSE A 30 8.36 -8.89 19.05
SE MSE A 30 6.63 -8.45 19.77
CE MSE A 30 6.13 -10.22 20.42
N PRO A 31 9.79 -12.37 19.45
CA PRO A 31 10.40 -12.94 20.67
C PRO A 31 11.89 -13.19 20.57
N THR A 32 12.46 -13.18 19.36
CA THR A 32 13.89 -13.39 19.17
C THR A 32 14.58 -12.16 18.62
N THR A 33 13.89 -11.01 18.58
CA THR A 33 14.45 -9.78 18.05
C THR A 33 14.54 -8.73 19.15
N GLU A 34 15.68 -8.04 19.20
CA GLU A 34 15.90 -6.99 20.17
C GLU A 34 15.50 -5.65 19.57
N ILE A 35 14.55 -4.98 20.19
CA ILE A 35 14.06 -3.67 19.74
C ILE A 35 14.57 -2.62 20.70
N ASP A 36 15.60 -1.88 20.28
CA ASP A 36 16.22 -0.82 21.09
C ASP A 36 16.59 -1.33 22.49
N GLY A 37 17.20 -2.51 22.53
CA GLY A 37 17.69 -3.07 23.77
C GLY A 37 16.77 -4.06 24.44
N LYS A 38 15.47 -3.99 24.19
CA LYS A 38 14.51 -4.83 24.88
C LYS A 38 14.10 -6.03 24.03
N THR A 39 13.69 -7.10 24.70
CA THR A 39 13.18 -8.31 24.07
C THR A 39 11.77 -8.55 24.59
N TYR A 40 10.79 -8.51 23.68
CA TYR A 40 9.39 -8.62 24.06
C TYR A 40 8.90 -10.05 23.87
N THR A 41 8.10 -10.52 24.83
CA THR A 41 7.47 -11.83 24.75
C THR A 41 6.05 -11.75 24.23
N SER A 42 5.43 -10.58 24.24
CA SER A 42 4.06 -10.40 23.77
C SER A 42 3.96 -9.12 22.95
N GLY A 43 3.22 -9.19 21.86
CA GLY A 43 3.05 -8.04 20.99
C GLY A 43 1.63 -8.00 20.45
N LYS A 44 1.18 -6.78 20.18
CA LYS A 44 -0.15 -6.56 19.65
C LYS A 44 -0.08 -5.53 18.52
N LEU A 45 -0.90 -5.73 17.49
CA LEU A 45 -1.04 -4.78 16.39
C LEU A 45 -2.44 -4.21 16.44
N TYR A 46 -2.54 -2.89 16.56
CA TYR A 46 -3.82 -2.18 16.65
C TYR A 46 -4.03 -1.38 15.38
N ILE A 47 -5.14 -1.64 14.70
CA ILE A 47 -5.52 -0.92 13.48
C ILE A 47 -6.41 0.24 13.89
N LYS A 48 -5.97 1.45 13.57
CA LYS A 48 -6.70 2.67 13.94
C LYS A 48 -7.39 3.22 12.71
N MSE A 49 -8.71 3.33 12.76
CA MSE A 49 -9.48 3.93 11.68
C MSE A 49 -9.51 5.45 11.85
O MSE A 49 -9.53 5.94 12.98
CB MSE A 49 -10.90 3.38 11.65
CG MSE A 49 -10.98 1.87 11.50
SE MSE A 49 -10.21 1.27 9.82
CE MSE A 49 -11.55 1.97 8.60
N PRO A 50 -9.51 6.18 10.74
CA PRO A 50 -9.69 7.63 10.83
C PRO A 50 -11.07 7.97 11.35
N GLU A 51 -11.14 9.05 12.14
CA GLU A 51 -12.43 9.50 12.66
C GLU A 51 -13.43 9.73 11.53
N THR A 52 -13.00 10.44 10.49
CA THR A 52 -13.73 10.54 9.23
C THR A 52 -12.72 10.48 8.10
N LEU A 53 -13.19 10.05 6.92
CA LEU A 53 -12.31 9.97 5.77
C LEU A 53 -12.09 11.39 5.25
N ASP A 54 -11.07 12.04 5.80
CA ASP A 54 -10.75 13.42 5.50
C ASP A 54 -9.82 13.50 4.29
N THR A 55 -9.42 14.73 3.95
CA THR A 55 -8.64 14.94 2.73
C THR A 55 -7.30 14.24 2.78
N ASP A 56 -6.67 14.18 3.96
CA ASP A 56 -5.32 13.64 4.09
C ASP A 56 -5.27 12.67 5.25
N ILE A 57 -5.23 11.37 4.94
CA ILE A 57 -5.17 10.36 6.00
C ILE A 57 -3.77 10.30 6.60
N LYS A 58 -2.74 10.69 5.83
CA LYS A 58 -1.39 10.70 6.38
C LYS A 58 -1.26 11.69 7.52
N LYS A 59 -1.93 12.84 7.42
CA LYS A 59 -1.87 13.82 8.50
C LYS A 59 -2.60 13.32 9.73
N SER A 60 -3.76 12.69 9.56
CA SER A 60 -4.46 12.11 10.70
C SER A 60 -3.62 11.02 11.35
N ALA A 61 -2.90 10.23 10.54
CA ALA A 61 -2.05 9.19 11.09
C ALA A 61 -0.89 9.78 11.88
N MSE A 62 -0.24 10.81 11.34
CA MSE A 62 0.86 11.47 12.05
C MSE A 62 0.40 12.08 13.36
O MSE A 62 1.06 11.94 14.40
CB MSE A 62 1.48 12.56 11.17
CG MSE A 62 2.45 12.03 10.12
SE MSE A 62 3.27 13.43 9.03
CE MSE A 62 1.73 13.92 7.95
N LEU A 63 -0.77 12.73 13.33
CA LEU A 63 -1.31 13.34 14.54
C LEU A 63 -1.64 12.28 15.58
N PHE A 64 -2.26 11.18 15.16
CA PHE A 64 -2.59 10.10 16.09
C PHE A 64 -1.34 9.47 16.67
N TYR A 65 -0.31 9.28 15.84
CA TYR A 65 0.93 8.68 16.34
C TYR A 65 1.63 9.59 17.35
N LYS A 66 1.62 10.90 17.09
CA LYS A 66 2.28 11.82 18.02
C LYS A 66 1.48 11.95 19.31
N LYS A 67 0.14 11.94 19.21
CA LYS A 67 -0.69 12.05 20.42
C LYS A 67 -0.67 10.79 21.27
N GLN A 68 -0.23 9.66 20.72
CA GLN A 68 -0.15 8.41 21.46
C GLN A 68 1.23 8.14 22.03
N GLY A 69 2.21 8.98 21.74
CA GLY A 69 3.56 8.78 22.25
C GLY A 69 4.25 7.57 21.66
N LEU A 70 4.14 7.40 20.34
CA LEU A 70 4.75 6.28 19.64
C LEU A 70 6.07 6.70 19.02
N ASN A 71 6.93 5.70 18.80
CA ASN A 71 8.22 5.92 18.17
C ASN A 71 8.35 5.02 16.95
N GLU A 72 9.20 5.45 16.02
CA GLU A 72 9.36 4.76 14.75
C GLU A 72 10.24 3.55 14.91
N THR A 73 9.77 2.39 14.44
CA THR A 73 10.53 1.16 14.45
C THR A 73 10.28 0.41 13.15
N GLN A 74 10.93 -0.74 13.00
CA GLN A 74 10.76 -1.54 11.80
C GLN A 74 10.87 -3.02 12.14
N MSE A 75 10.27 -3.85 11.28
CA MSE A 75 10.30 -5.29 11.39
C MSE A 75 10.98 -5.89 10.16
O MSE A 75 10.62 -5.55 9.04
CB MSE A 75 8.90 -5.87 11.53
CG MSE A 75 8.00 -5.22 12.57
SE MSE A 75 6.15 -5.81 12.37
CE MSE A 75 5.38 -5.14 14.03
N SER A 76 11.95 -6.78 10.37
CA SER A 76 12.59 -7.48 9.27
C SER A 76 11.78 -8.71 8.90
N THR A 77 11.26 -8.73 7.67
CA THR A 77 10.41 -9.81 7.19
C THR A 77 11.05 -10.49 5.99
N ASN A 78 10.71 -11.77 5.79
CA ASN A 78 11.23 -12.56 4.70
C ASN A 78 10.26 -12.67 3.53
N HIS A 79 9.07 -12.08 3.62
CA HIS A 79 8.09 -12.09 2.55
C HIS A 79 8.08 -10.80 1.75
N ARG A 80 8.95 -9.85 2.07
CA ARG A 80 9.07 -8.61 1.30
C ARG A 80 10.53 -8.21 1.27
N ASN A 81 10.93 -7.59 0.16
CA ASN A 81 12.33 -7.23 -0.08
C ASN A 81 12.81 -6.09 0.82
N TYR A 82 11.93 -5.48 1.60
CA TYR A 82 12.33 -4.40 2.50
C TYR A 82 11.53 -4.49 3.78
N PRO A 83 12.06 -3.97 4.89
CA PRO A 83 11.39 -4.13 6.18
C PRO A 83 10.07 -3.37 6.24
N ILE A 84 9.25 -3.76 7.21
CA ILE A 84 7.96 -3.12 7.45
C ILE A 84 8.15 -2.03 8.48
N HIS A 85 7.91 -0.78 8.10
CA HIS A 85 8.05 0.33 9.01
C HIS A 85 6.76 0.55 9.78
N ILE A 86 6.88 0.79 11.09
CA ILE A 86 5.75 0.87 11.99
C ILE A 86 6.02 1.94 13.04
N VAL A 87 4.99 2.26 13.80
CA VAL A 87 5.10 3.06 15.01
C VAL A 87 4.63 2.19 16.17
N SER A 88 5.35 2.28 17.30
CA SER A 88 5.08 1.37 18.40
C SER A 88 5.42 2.05 19.72
N LYS A 89 5.09 1.35 20.79
CA LYS A 89 5.44 1.77 22.14
C LYS A 89 5.51 0.54 23.03
N GLU A 90 6.01 0.75 24.25
CA GLU A 90 6.15 -0.30 25.24
C GLU A 90 5.09 -0.13 26.31
N GLU A 91 4.38 -1.21 26.63
CA GLU A 91 3.40 -1.24 27.72
C GLU A 91 3.77 -2.44 28.59
N GLY A 92 4.56 -2.19 29.62
CA GLY A 92 5.06 -3.27 30.44
C GLY A 92 5.97 -4.16 29.62
N ASP A 93 5.59 -5.43 29.50
CA ASP A 93 6.33 -6.39 28.69
C ASP A 93 5.74 -6.55 27.30
N THR A 94 4.76 -5.73 26.94
CA THR A 94 4.06 -5.85 25.67
C THR A 94 4.55 -4.79 24.70
N LEU A 95 4.77 -5.19 23.45
CA LEU A 95 5.06 -4.26 22.37
C LEU A 95 3.76 -3.94 21.65
N GLU A 96 3.31 -2.68 21.76
CA GLU A 96 2.06 -2.25 21.13
C GLU A 96 2.40 -1.48 19.85
N VAL A 97 2.09 -2.08 18.71
CA VAL A 97 2.29 -1.47 17.41
C VAL A 97 0.96 -0.89 16.95
N TYR A 98 0.98 0.30 16.35
CA TYR A 98 -0.23 0.93 15.86
C TYR A 98 -0.10 1.24 14.38
N ASP A 99 -1.22 1.22 13.67
CA ASP A 99 -1.20 1.62 12.28
C ASP A 99 -2.57 2.15 11.86
N MSE A 100 -2.55 3.29 11.17
CA MSE A 100 -3.73 3.80 10.48
C MSE A 100 -3.55 3.54 8.98
O MSE A 100 -2.59 4.03 8.39
CB MSE A 100 -3.94 5.28 10.77
CG MSE A 100 -5.14 5.89 10.07
SE MSE A 100 -5.36 7.80 10.44
CE MSE A 100 -5.61 7.71 12.37
N PRO A 101 -4.47 2.77 8.39
CA PRO A 101 -4.28 2.34 7.00
C PRO A 101 -4.29 3.49 6.00
N THR A 102 -3.11 3.88 5.51
CA THR A 102 -3.02 4.93 4.52
C THR A 102 -3.65 4.53 3.19
N ILE A 103 -3.79 3.22 2.93
CA ILE A 103 -4.40 2.73 1.71
C ILE A 103 -5.83 3.24 1.56
N LEU A 104 -6.48 3.63 2.66
CA LEU A 104 -7.84 4.15 2.59
C LEU A 104 -7.91 5.48 1.84
N SER A 105 -6.78 6.15 1.63
CA SER A 105 -6.77 7.45 0.96
C SER A 105 -7.60 7.42 -0.31
N GLY A 106 -7.27 6.49 -1.22
CA GLY A 106 -8.02 6.38 -2.47
C GLY A 106 -9.51 6.31 -2.24
N ILE A 107 -9.94 5.48 -1.28
CA ILE A 107 -11.37 5.37 -0.96
C ILE A 107 -11.97 6.75 -0.82
N ASP A 108 -11.37 7.59 0.03
CA ASP A 108 -11.86 8.96 0.22
C ASP A 108 -12.08 9.64 -1.11
N LYS A 109 -11.03 9.71 -1.94
CA LYS A 109 -11.12 10.43 -3.19
C LYS A 109 -12.23 9.85 -4.06
N ALA A 110 -12.38 8.51 -4.05
CA ALA A 110 -13.46 7.91 -4.83
C ALA A 110 -14.80 8.49 -4.40
N ILE A 111 -15.10 8.45 -3.10
CA ILE A 111 -16.32 9.06 -2.61
C ILE A 111 -16.30 10.55 -2.89
N ASP A 112 -15.13 11.17 -2.74
CA ASP A 112 -14.97 12.59 -2.98
C ASP A 112 -15.10 12.95 -4.44
N MSE A 113 -15.30 11.97 -5.31
CA MSE A 113 -15.47 12.25 -6.73
C MSE A 113 -16.88 11.86 -7.19
O MSE A 113 -17.22 12.03 -8.36
CB MSE A 113 -14.42 11.49 -7.54
CG MSE A 113 -14.00 12.21 -8.82
SE MSE A 113 -12.40 11.42 -9.60
CE MSE A 113 -11.21 11.55 -8.05
N TYR A 114 -17.69 11.37 -6.25
CA TYR A 114 -19.04 10.93 -6.59
C TYR A 114 -20.13 11.73 -5.90
N PHE A 115 -19.86 12.31 -4.74
CA PHE A 115 -20.85 13.01 -3.95
C PHE A 115 -20.56 14.50 -3.80
N ARG A 116 -19.29 14.87 -3.68
CA ARG A 116 -18.91 16.26 -3.47
C ARG A 116 -19.14 17.07 -4.75
N VAL A 117 -20.40 17.34 -5.07
CA VAL A 117 -20.78 18.07 -6.28
C VAL A 117 -21.72 19.20 -5.89
N GLY A 118 -21.59 20.32 -6.59
CA GLY A 118 -22.44 21.47 -6.33
C GLY A 118 -22.41 21.97 -4.91
N HIS A 119 -21.34 21.68 -4.18
CA HIS A 119 -21.21 22.13 -2.79
C HIS A 119 -19.78 21.88 -2.32
N ILE A 120 -19.46 22.44 -1.16
CA ILE A 120 -18.12 22.36 -0.58
C ILE A 120 -18.05 21.29 0.50
N GLY A 121 -19.01 21.29 1.43
CA GLY A 121 -18.97 20.34 2.52
C GLY A 121 -19.29 18.90 2.14
N LYS A 122 -19.90 18.17 3.07
CA LYS A 122 -20.25 16.77 2.85
C LYS A 122 -21.73 16.56 3.18
N THR A 123 -22.52 16.24 2.16
CA THR A 123 -23.93 15.93 2.37
C THR A 123 -24.07 14.68 3.24
N THR A 124 -25.29 14.47 3.74
CA THR A 124 -25.56 13.29 4.55
C THR A 124 -25.44 12.01 3.74
N GLU A 125 -25.67 12.08 2.42
CA GLU A 125 -25.52 10.91 1.58
C GLU A 125 -24.05 10.53 1.41
N GLN A 126 -23.18 11.53 1.25
CA GLN A 126 -21.75 11.26 1.23
C GLN A 126 -21.29 10.65 2.54
N GLN A 127 -21.80 11.16 3.66
CA GLN A 127 -21.45 10.60 4.97
C GLN A 127 -21.92 9.15 5.09
N LEU A 128 -23.12 8.85 4.60
CA LEU A 128 -23.62 7.48 4.68
C LEU A 128 -22.78 6.55 3.82
N ALA A 129 -22.47 6.95 2.58
CA ALA A 129 -21.64 6.09 1.74
C ALA A 129 -20.25 5.91 2.33
N GLU A 130 -19.72 6.96 2.96
CA GLU A 130 -18.41 6.86 3.58
C GLU A 130 -18.44 5.89 4.75
N ASP A 131 -19.46 5.99 5.59
CA ASP A 131 -19.60 5.08 6.73
C ASP A 131 -19.80 3.65 6.26
N ASN A 132 -20.55 3.45 5.18
CA ASN A 132 -20.75 2.11 4.65
C ASN A 132 -19.44 1.53 4.14
N GLU A 133 -18.66 2.33 3.40
CA GLU A 133 -17.35 1.85 2.94
C GLU A 133 -16.44 1.52 4.11
N MSE A 134 -16.44 2.36 5.15
CA MSE A 134 -15.66 2.12 6.35
C MSE A 134 -16.04 0.81 7.03
O MSE A 134 -15.18 0.00 7.39
CB MSE A 134 -15.82 3.27 7.34
CG MSE A 134 -15.21 4.58 6.88
SE MSE A 134 -13.27 4.49 6.82
CE MSE A 134 -12.88 5.38 8.51
N ASN A 135 -17.36 0.61 7.21
CA ASN A 135 -17.84 -0.58 7.89
C ASN A 135 -17.53 -1.84 7.09
N ASN A 136 -17.67 -1.76 5.76
CA ASN A 136 -17.33 -2.92 4.93
C ASN A 136 -15.84 -3.21 4.97
N PHE A 137 -15.01 -2.18 4.94
CA PHE A 137 -13.57 -2.38 5.08
C PHE A 137 -13.24 -3.07 6.38
N LYS A 138 -13.81 -2.60 7.49
CA LYS A 138 -13.56 -3.20 8.79
C LYS A 138 -14.07 -4.64 8.85
N ARG A 139 -15.22 -4.91 8.24
CA ARG A 139 -15.77 -6.26 8.26
C ARG A 139 -14.90 -7.23 7.48
N VAL A 140 -14.48 -6.82 6.28
CA VAL A 140 -13.62 -7.70 5.48
C VAL A 140 -12.28 -7.91 6.17
N LEU A 141 -11.72 -6.85 6.75
CA LEU A 141 -10.44 -7.00 7.45
C LEU A 141 -10.57 -7.93 8.64
N GLN A 142 -11.68 -7.83 9.39
CA GLN A 142 -11.88 -8.71 10.53
C GLN A 142 -12.08 -10.15 10.08
N LEU A 143 -12.80 -10.37 8.99
CA LEU A 143 -12.97 -11.72 8.46
C LEU A 143 -11.64 -12.31 8.03
N LEU A 144 -10.78 -11.50 7.42
CA LEU A 144 -9.45 -11.99 7.02
C LEU A 144 -8.58 -12.27 8.25
N ILE A 145 -8.70 -11.44 9.29
CA ILE A 145 -7.94 -11.65 10.51
C ILE A 145 -8.36 -12.94 11.20
N ASN A 146 -9.66 -13.21 11.23
CA ASN A 146 -10.16 -14.40 11.92
C ASN A 146 -9.70 -15.68 11.23
N GLU A 147 -9.45 -15.63 9.92
CA GLU A 147 -9.03 -16.81 9.17
C GLU A 147 -7.51 -16.99 9.17
N ASP A 148 -6.79 -16.21 9.97
CA ASP A 148 -5.34 -16.30 10.07
C ASP A 148 -4.97 -16.45 11.54
N SER A 149 -4.27 -17.54 11.87
CA SER A 149 -4.01 -17.85 13.28
C SER A 149 -3.19 -16.75 13.94
N PHE A 150 -2.14 -16.27 13.27
CA PHE A 150 -1.30 -15.22 13.84
C PHE A 150 -2.11 -13.93 14.02
N CYS A 151 -2.89 -13.56 13.00
CA CYS A 151 -3.70 -12.35 13.08
C CYS A 151 -4.76 -12.46 14.16
N ARG A 152 -5.45 -13.60 14.22
CA ARG A 152 -6.39 -13.85 15.29
C ARG A 152 -5.71 -13.76 16.65
N GLU A 153 -4.43 -14.12 16.71
CA GLU A 153 -3.70 -14.11 17.97
C GLU A 153 -3.34 -12.70 18.43
N CYS A 154 -2.87 -11.84 17.51
CA CYS A 154 -2.24 -10.59 17.94
C CYS A 154 -2.74 -9.32 17.25
N VAL A 155 -3.79 -9.40 16.42
CA VAL A 155 -4.27 -8.23 15.68
C VAL A 155 -5.67 -7.87 16.15
N GLU A 156 -5.88 -6.56 16.36
CA GLU A 156 -7.19 -6.04 16.75
C GLU A 156 -7.46 -4.75 15.99
N ILE A 157 -8.73 -4.56 15.63
CA ILE A 157 -9.19 -3.30 15.05
C ILE A 157 -9.71 -2.43 16.18
N LEU A 158 -9.16 -1.23 16.31
CA LEU A 158 -9.53 -0.34 17.41
C LEU A 158 -11.00 0.07 17.31
N ARG A 159 -11.63 0.17 18.48
CA ARG A 159 -13.07 0.44 18.57
C ARG A 159 -13.40 1.92 18.37
N GLN A 160 -12.82 2.78 19.19
CA GLN A 160 -13.30 4.15 19.32
C GLN A 160 -13.20 4.93 18.01
N ALA A 161 -14.01 5.97 17.90
CA ALA A 161 -14.00 6.86 16.75
C ALA A 161 -13.02 8.01 16.96
N GLY B 4 -17.18 3.04 -6.99
CA GLY B 4 -17.29 2.60 -8.37
C GLY B 4 -16.54 1.32 -8.64
N LEU B 5 -15.50 1.41 -9.47
CA LEU B 5 -14.70 0.24 -9.78
C LEU B 5 -13.55 0.11 -8.77
N PRO B 6 -13.29 -1.09 -8.24
CA PRO B 6 -12.20 -1.22 -7.28
C PRO B 6 -10.83 -0.94 -7.88
N SER B 7 -10.63 -1.21 -9.17
CA SER B 7 -9.35 -0.89 -9.80
C SER B 7 -9.09 0.60 -9.78
N THR B 8 -10.13 1.42 -9.88
CA THR B 8 -9.97 2.87 -9.79
C THR B 8 -9.42 3.28 -8.42
N VAL B 9 -10.03 2.78 -7.35
CA VAL B 9 -9.58 3.11 -6.01
C VAL B 9 -8.17 2.57 -5.77
N ILE B 10 -7.88 1.38 -6.30
CA ILE B 10 -6.54 0.82 -6.16
C ILE B 10 -5.52 1.73 -6.84
N ALA B 11 -5.84 2.21 -8.05
CA ALA B 11 -4.93 3.11 -8.75
C ALA B 11 -4.74 4.42 -7.98
N ILE B 12 -5.82 4.95 -7.40
CA ILE B 12 -5.71 6.19 -6.65
C ILE B 12 -4.83 6.00 -5.42
N SER B 13 -5.03 4.89 -4.69
CA SER B 13 -4.21 4.63 -3.51
C SER B 13 -2.75 4.43 -3.90
N TYR B 14 -2.50 3.72 -5.00
CA TYR B 14 -1.13 3.50 -5.45
C TYR B 14 -0.46 4.81 -5.85
N PHE B 15 -1.22 5.70 -6.50
CA PHE B 15 -0.66 6.99 -6.90
C PHE B 15 -0.38 7.88 -5.70
N GLU B 16 -1.32 7.93 -4.75
CA GLU B 16 -1.16 8.80 -3.59
C GLU B 16 -0.08 8.30 -2.65
N GLY B 17 0.06 6.98 -2.51
CA GLY B 17 0.98 6.42 -1.55
C GLY B 17 2.36 6.07 -2.07
N PHE B 18 2.63 6.25 -3.36
CA PHE B 18 3.93 5.86 -3.90
C PHE B 18 4.35 6.68 -5.11
N VAL B 19 3.55 6.65 -6.18
CA VAL B 19 3.96 7.24 -7.45
C VAL B 19 4.24 8.74 -7.29
N LYS B 20 3.30 9.45 -6.66
CA LYS B 20 3.46 10.89 -6.48
C LYS B 20 4.70 11.20 -5.66
N LEU B 21 4.89 10.50 -4.54
CA LEU B 21 6.04 10.74 -3.68
C LEU B 21 7.35 10.40 -4.38
N ALA B 22 7.36 9.29 -5.14
CA ALA B 22 8.58 8.90 -5.85
C ALA B 22 8.93 9.92 -6.92
N ALA B 23 7.94 10.41 -7.66
CA ALA B 23 8.19 11.44 -8.66
C ALA B 23 8.70 12.73 -8.02
N GLU B 24 8.10 13.11 -6.89
CA GLU B 24 8.55 14.30 -6.19
C GLU B 24 9.99 14.16 -5.72
N TRP B 25 10.36 12.97 -5.22
CA TRP B 25 11.73 12.74 -4.81
C TRP B 25 12.69 12.80 -6.00
N ILE B 26 12.29 12.20 -7.12
CA ILE B 26 13.14 12.22 -8.31
C ILE B 26 13.38 13.65 -8.78
N VAL B 27 12.33 14.47 -8.77
CA VAL B 27 12.45 15.82 -9.33
C VAL B 27 13.17 16.75 -8.37
N THR B 28 12.80 16.73 -7.09
CA THR B 28 13.23 17.77 -6.16
C THR B 28 14.30 17.33 -5.17
N GLU B 29 14.54 16.03 -4.99
CA GLU B 29 15.45 15.56 -3.96
C GLU B 29 16.60 14.73 -4.48
N MSE B 30 16.42 14.00 -5.58
CA MSE B 30 17.46 13.14 -6.13
C MSE B 30 18.77 13.84 -6.53
O MSE B 30 19.85 13.31 -6.25
CB MSE B 30 16.91 12.35 -7.32
CG MSE B 30 17.88 11.33 -7.88
SE MSE B 30 17.30 10.72 -9.63
CE MSE B 30 17.34 12.44 -10.55
N PRO B 31 18.70 15.01 -7.20
CA PRO B 31 19.95 15.66 -7.62
C PRO B 31 20.86 16.07 -6.48
N THR B 32 20.38 16.08 -5.24
CA THR B 32 21.19 16.42 -4.08
C THR B 32 21.38 15.25 -3.12
N THR B 33 20.99 14.05 -3.52
CA THR B 33 21.08 12.86 -2.67
C THR B 33 22.01 11.85 -3.33
N GLU B 34 22.85 11.21 -2.52
CA GLU B 34 23.75 10.18 -3.02
C GLU B 34 23.07 8.83 -2.94
N ILE B 35 22.98 8.15 -4.07
CA ILE B 35 22.38 6.83 -4.17
C ILE B 35 23.54 5.85 -4.34
N ASP B 36 23.89 5.17 -3.26
CA ASP B 36 25.01 4.23 -3.23
C ASP B 36 26.29 4.84 -3.80
N GLY B 37 26.57 6.08 -3.35
CA GLY B 37 27.79 6.79 -3.66
C GLY B 37 27.68 7.78 -4.81
N LYS B 38 26.75 7.57 -5.74
CA LYS B 38 26.65 8.44 -6.91
C LYS B 38 25.49 9.42 -6.75
N THR B 39 25.60 10.53 -7.49
CA THR B 39 24.57 11.56 -7.53
C THR B 39 24.07 11.69 -8.96
N TYR B 40 22.79 11.42 -9.15
CA TYR B 40 22.18 11.40 -10.48
C TYR B 40 21.48 12.71 -10.77
N THR B 41 21.60 13.18 -12.02
CA THR B 41 20.92 14.39 -12.46
C THR B 41 19.60 14.11 -13.18
N SER B 42 19.36 12.88 -13.61
CA SER B 42 18.12 12.52 -14.29
C SER B 42 17.65 11.17 -13.78
N GLY B 43 16.34 11.05 -13.57
CA GLY B 43 15.76 9.82 -13.05
C GLY B 43 14.42 9.54 -13.67
N LYS B 44 14.09 8.25 -13.75
CA LYS B 44 12.83 7.79 -14.30
C LYS B 44 12.24 6.70 -13.42
N LEU B 45 10.91 6.70 -13.28
CA LEU B 45 10.19 5.67 -12.57
C LEU B 45 9.35 4.88 -13.58
N TYR B 46 9.58 3.58 -13.67
CA TYR B 46 8.89 2.71 -14.61
C TYR B 46 7.94 1.79 -13.85
N ILE B 47 6.67 1.84 -14.20
CA ILE B 47 5.66 0.99 -13.59
C ILE B 47 5.51 -0.27 -14.42
N LYS B 48 5.75 -1.43 -13.80
CA LYS B 48 5.70 -2.71 -14.48
C LYS B 48 4.43 -3.45 -14.06
N MSE B 49 3.56 -3.71 -15.04
CA MSE B 49 2.36 -4.51 -14.79
C MSE B 49 2.69 -5.99 -14.92
O MSE B 49 3.51 -6.37 -15.74
CB MSE B 49 1.25 -4.13 -15.77
CG MSE B 49 0.83 -2.68 -15.71
SE MSE B 49 -0.05 -2.22 -14.03
CE MSE B 49 -1.61 -3.38 -14.18
N PRO B 50 2.06 -6.82 -14.09
CA PRO B 50 2.26 -8.27 -14.24
C PRO B 50 1.67 -8.75 -15.56
N GLU B 51 2.34 -9.74 -16.15
CA GLU B 51 1.85 -10.32 -17.40
C GLU B 51 0.43 -10.83 -17.23
N THR B 52 0.18 -11.54 -16.15
CA THR B 52 -1.18 -11.89 -15.73
C THR B 52 -1.28 -11.72 -14.22
N LEU B 53 -2.49 -11.47 -13.74
CA LEU B 53 -2.73 -11.30 -12.31
C LEU B 53 -2.73 -12.68 -11.65
N ASP B 54 -1.54 -13.11 -11.23
CA ASP B 54 -1.35 -14.44 -10.68
C ASP B 54 -1.58 -14.45 -9.17
N THR B 55 -1.38 -15.62 -8.57
CA THR B 55 -1.70 -15.80 -7.15
C THR B 55 -0.85 -14.91 -6.25
N ASP B 56 0.42 -14.70 -6.62
CA ASP B 56 1.37 -13.96 -5.78
C ASP B 56 2.09 -12.94 -6.64
N ILE B 57 1.70 -11.67 -6.50
CA ILE B 57 2.34 -10.62 -7.28
C ILE B 57 3.72 -10.28 -6.74
N LYS B 58 3.95 -10.51 -5.45
CA LYS B 58 5.28 -10.26 -4.88
C LYS B 58 6.33 -11.15 -5.51
N LYS B 59 5.98 -12.41 -5.79
CA LYS B 59 6.93 -13.31 -6.42
C LYS B 59 7.25 -12.88 -7.85
N SER B 60 6.22 -12.49 -8.60
CA SER B 60 6.44 -11.97 -9.95
C SER B 60 7.30 -10.72 -9.91
N ALA B 61 7.09 -9.86 -8.91
CA ALA B 61 7.87 -8.64 -8.78
C ALA B 61 9.33 -8.95 -8.48
N MSE B 62 9.58 -9.86 -7.56
CA MSE B 62 10.96 -10.25 -7.23
C MSE B 62 11.66 -10.88 -8.44
O MSE B 62 12.82 -10.58 -8.71
CB MSE B 62 10.97 -11.23 -6.05
CG MSE B 62 10.64 -10.58 -4.71
SE MSE B 62 10.80 -11.81 -3.20
CE MSE B 62 9.35 -13.03 -3.63
N LEU B 63 10.92 -11.72 -9.17
CA LEU B 63 11.49 -12.34 -10.36
C LEU B 63 11.83 -11.29 -11.42
N PHE B 64 10.92 -10.33 -11.64
CA PHE B 64 11.19 -9.28 -12.62
C PHE B 64 12.36 -8.42 -12.20
N TYR B 65 12.46 -8.11 -10.90
CA TYR B 65 13.58 -7.29 -10.42
C TYR B 65 14.91 -8.02 -10.59
N LYS B 66 14.94 -9.34 -10.36
CA LYS B 66 16.18 -10.07 -10.53
C LYS B 66 16.53 -10.19 -12.00
N LYS B 67 15.51 -10.35 -12.86
CA LYS B 67 15.76 -10.48 -14.29
C LYS B 67 16.21 -9.17 -14.93
N GLN B 68 15.98 -8.05 -14.26
CA GLN B 68 16.39 -6.75 -14.78
C GLN B 68 17.70 -6.27 -14.18
N GLY B 69 18.27 -7.03 -13.24
CA GLY B 69 19.51 -6.65 -12.59
C GLY B 69 19.38 -5.42 -11.73
N LEU B 70 18.33 -5.37 -10.92
CA LEU B 70 18.07 -4.23 -10.05
C LEU B 70 18.57 -4.53 -8.63
N ASN B 71 18.87 -3.45 -7.90
CA ASN B 71 19.32 -3.54 -6.53
C ASN B 71 18.44 -2.67 -5.64
N GLU B 72 18.39 -3.03 -4.35
CA GLU B 72 17.53 -2.33 -3.41
C GLU B 72 18.15 -1.01 -2.96
N THR B 73 17.36 0.06 -3.05
CA THR B 73 17.74 1.39 -2.59
C THR B 73 16.52 1.98 -1.90
N GLN B 74 16.66 3.20 -1.39
CA GLN B 74 15.54 3.85 -0.73
C GLN B 74 15.59 5.35 -0.98
N MSE B 75 14.41 5.95 -1.07
CA MSE B 75 14.26 7.38 -1.24
C MSE B 75 13.87 8.03 0.09
O MSE B 75 13.09 7.46 0.85
CB MSE B 75 13.22 7.71 -2.30
CG MSE B 75 13.49 7.10 -3.66
SE MSE B 75 11.96 7.40 -4.84
CE MSE B 75 12.72 6.82 -6.54
N SER B 76 14.40 9.21 0.34
CA SER B 76 14.08 9.96 1.55
C SER B 76 13.01 11.00 1.22
N THR B 77 11.83 10.86 1.82
CA THR B 77 10.72 11.73 1.56
C THR B 77 10.27 12.43 2.84
N ASN B 78 9.69 13.62 2.69
CA ASN B 78 9.18 14.40 3.80
C ASN B 78 7.68 14.28 3.96
N HIS B 79 7.02 13.49 3.11
CA HIS B 79 5.57 13.29 3.18
C HIS B 79 5.19 11.99 3.86
N ARG B 80 6.17 11.21 4.31
CA ARG B 80 5.90 9.98 5.05
C ARG B 80 6.97 9.80 6.12
N ASN B 81 6.55 9.21 7.24
CA ASN B 81 7.44 9.05 8.40
C ASN B 81 8.54 8.03 8.16
N TYR B 82 8.54 7.32 7.04
CA TYR B 82 9.57 6.33 6.75
C TYR B 82 9.92 6.37 5.27
N PRO B 83 11.14 5.97 4.91
CA PRO B 83 11.59 6.10 3.52
C PRO B 83 10.81 5.20 2.56
N ILE B 84 10.90 5.55 1.28
CA ILE B 84 10.28 4.78 0.21
C ILE B 84 11.31 3.80 -0.33
N HIS B 85 11.05 2.50 -0.18
CA HIS B 85 11.95 1.48 -0.67
C HIS B 85 11.63 1.14 -2.12
N ILE B 86 12.68 1.01 -2.92
CA ILE B 86 12.57 0.81 -4.36
C ILE B 86 13.66 -0.13 -4.83
N VAL B 87 13.55 -0.54 -6.09
CA VAL B 87 14.60 -1.24 -6.81
C VAL B 87 14.99 -0.38 -8.00
N SER B 88 16.30 -0.29 -8.27
CA SER B 88 16.77 0.63 -9.28
C SER B 88 18.05 0.07 -9.91
N LYS B 89 18.52 0.78 -10.94
CA LYS B 89 19.77 0.49 -11.60
C LYS B 89 20.28 1.77 -12.24
N GLU B 90 21.52 1.73 -12.71
CA GLU B 90 22.17 2.88 -13.33
C GLU B 90 22.26 2.66 -14.83
N GLU B 91 21.84 3.66 -15.61
CA GLU B 91 21.95 3.67 -17.06
C GLU B 91 22.63 4.98 -17.44
N GLY B 92 23.95 4.96 -17.56
CA GLY B 92 24.69 6.18 -17.81
C GLY B 92 24.57 7.12 -16.63
N ASP B 93 24.01 8.30 -16.88
CA ASP B 93 23.77 9.30 -15.84
C ASP B 93 22.34 9.25 -15.32
N THR B 94 21.55 8.28 -15.75
CA THR B 94 20.15 8.18 -15.38
C THR B 94 19.95 7.10 -14.33
N LEU B 95 19.15 7.40 -13.31
CA LEU B 95 18.72 6.44 -12.31
C LEU B 95 17.35 5.91 -12.73
N GLU B 96 17.29 4.62 -13.06
CA GLU B 96 16.07 3.98 -13.53
C GLU B 96 15.45 3.20 -12.36
N VAL B 97 14.32 3.68 -11.87
CA VAL B 97 13.59 3.03 -10.80
C VAL B 97 12.45 2.22 -11.40
N TYR B 98 12.23 1.02 -10.87
CA TYR B 98 11.17 0.14 -11.32
C TYR B 98 10.29 -0.25 -10.14
N ASP B 99 9.01 -0.49 -10.43
CA ASP B 99 8.11 -0.98 -9.39
C ASP B 99 6.97 -1.75 -10.03
N MSE B 100 6.68 -2.92 -9.48
CA MSE B 100 5.45 -3.64 -9.80
C MSE B 100 4.48 -3.47 -8.65
O MSE B 100 4.78 -3.83 -7.52
CB MSE B 100 5.74 -5.12 -10.06
CG MSE B 100 4.51 -5.91 -10.50
SE MSE B 100 4.91 -7.80 -10.82
CE MSE B 100 6.20 -7.62 -12.26
N PRO B 101 3.30 -2.90 -8.94
CA PRO B 101 2.37 -2.54 -7.84
C PRO B 101 1.84 -3.74 -7.10
N THR B 102 2.36 -3.99 -5.90
CA THR B 102 1.87 -5.09 -5.08
C THR B 102 0.43 -4.87 -4.62
N ILE B 103 -0.04 -3.63 -4.61
CA ILE B 103 -1.41 -3.32 -4.22
C ILE B 103 -2.43 -4.05 -5.08
N LEU B 104 -2.03 -4.47 -6.30
CA LEU B 104 -2.93 -5.19 -7.18
C LEU B 104 -3.31 -6.56 -6.64
N SER B 105 -2.57 -7.07 -5.65
CA SER B 105 -2.85 -8.40 -5.11
C SER B 105 -4.32 -8.59 -4.79
N GLY B 106 -4.87 -7.68 -3.97
CA GLY B 106 -6.28 -7.77 -3.62
C GLY B 106 -7.19 -7.92 -4.82
N ILE B 107 -6.95 -7.11 -5.86
CA ILE B 107 -7.75 -7.19 -7.08
C ILE B 107 -7.89 -8.64 -7.52
N ASP B 108 -6.75 -9.33 -7.68
CA ASP B 108 -6.76 -10.74 -8.08
C ASP B 108 -7.72 -11.52 -7.21
N LYS B 109 -7.52 -11.50 -5.89
CA LYS B 109 -8.33 -12.29 -4.99
C LYS B 109 -9.80 -11.94 -5.14
N ALA B 110 -10.11 -10.65 -5.32
CA ALA B 110 -11.49 -10.23 -5.52
C ALA B 110 -12.11 -10.96 -6.70
N ILE B 111 -11.41 -10.97 -7.84
CA ILE B 111 -11.92 -11.67 -9.02
C ILE B 111 -12.11 -13.15 -8.71
N ASP B 112 -11.25 -13.74 -7.88
CA ASP B 112 -11.38 -15.15 -7.54
C ASP B 112 -12.60 -15.44 -6.67
N MSE B 113 -13.42 -14.44 -6.34
CA MSE B 113 -14.59 -14.68 -5.51
C MSE B 113 -15.88 -14.35 -6.24
O MSE B 113 -16.93 -14.17 -5.61
CB MSE B 113 -14.50 -13.89 -4.21
CG MSE B 113 -13.27 -14.20 -3.39
SE MSE B 113 -13.42 -13.56 -1.56
CE MSE B 113 -11.63 -14.01 -0.93
N TYR B 114 -15.82 -14.26 -7.56
CA TYR B 114 -17.01 -13.99 -8.35
C TYR B 114 -17.11 -14.94 -9.54
N PHE B 115 -15.96 -15.36 -10.08
CA PHE B 115 -15.96 -16.27 -11.23
C PHE B 115 -15.19 -17.56 -10.99
N ARG B 116 -14.07 -17.52 -10.27
CA ARG B 116 -13.23 -18.71 -10.13
C ARG B 116 -13.90 -19.77 -9.26
N VAL B 117 -15.00 -20.33 -9.76
CA VAL B 117 -15.76 -21.37 -9.07
C VAL B 117 -16.16 -22.42 -10.10
N GLY B 118 -16.27 -23.68 -9.64
CA GLY B 118 -16.59 -24.77 -10.54
C GLY B 118 -15.53 -25.02 -11.59
N HIS B 119 -14.29 -24.64 -11.32
CA HIS B 119 -13.15 -24.89 -12.17
C HIS B 119 -11.90 -24.55 -11.37
N ILE B 120 -10.75 -24.97 -11.89
CA ILE B 120 -9.48 -24.76 -11.21
C ILE B 120 -8.70 -23.60 -11.80
N GLY B 121 -8.56 -23.57 -13.12
CA GLY B 121 -7.83 -22.54 -13.81
C GLY B 121 -8.57 -21.21 -13.84
N LYS B 122 -8.40 -20.47 -14.93
CA LYS B 122 -9.06 -19.18 -15.11
C LYS B 122 -9.80 -19.22 -16.44
N THR B 123 -11.13 -19.18 -16.37
CA THR B 123 -11.93 -19.15 -17.58
C THR B 123 -11.65 -17.88 -18.38
N THR B 124 -12.06 -17.90 -19.66
CA THR B 124 -11.88 -16.73 -20.50
C THR B 124 -12.73 -15.55 -20.03
N GLU B 125 -13.87 -15.82 -19.38
CA GLU B 125 -14.69 -14.73 -18.86
C GLU B 125 -14.05 -14.11 -17.63
N GLN B 126 -13.52 -14.94 -16.72
CA GLN B 126 -12.75 -14.42 -15.59
C GLN B 126 -11.53 -13.67 -16.07
N GLN B 127 -10.84 -14.20 -17.08
CA GLN B 127 -9.69 -13.52 -17.64
C GLN B 127 -10.10 -12.19 -18.26
N LEU B 128 -11.28 -12.15 -18.89
CA LEU B 128 -11.79 -10.91 -19.47
C LEU B 128 -12.01 -9.85 -18.39
N ALA B 129 -12.67 -10.23 -17.29
CA ALA B 129 -12.89 -9.28 -16.21
C ALA B 129 -11.57 -8.84 -15.60
N GLU B 130 -10.61 -9.75 -15.52
CA GLU B 130 -9.29 -9.42 -14.97
C GLU B 130 -8.56 -8.42 -15.85
N ASP B 131 -8.58 -8.64 -17.17
CA ASP B 131 -7.96 -7.72 -18.10
C ASP B 131 -8.65 -6.37 -18.09
N ASN B 132 -9.98 -6.35 -17.93
CA ASN B 132 -10.69 -5.09 -17.85
C ASN B 132 -10.28 -4.32 -16.59
N GLU B 133 -10.19 -5.01 -15.45
CA GLU B 133 -9.75 -4.35 -14.23
C GLU B 133 -8.33 -3.81 -14.37
N MSE B 134 -7.43 -4.59 -14.97
CA MSE B 134 -6.05 -4.15 -15.18
C MSE B 134 -5.95 -2.93 -16.10
O MSE B 134 -5.19 -1.99 -15.82
CB MSE B 134 -5.21 -5.29 -15.74
CG MSE B 134 -4.23 -5.89 -14.74
SE MSE B 134 -2.92 -7.03 -15.61
CE MSE B 134 -2.29 -5.77 -16.96
N ASN B 135 -6.71 -2.96 -17.20
CA ASN B 135 -6.69 -1.84 -18.13
C ASN B 135 -7.28 -0.59 -17.48
N ASN B 136 -8.32 -0.73 -16.67
CA ASN B 136 -8.86 0.42 -15.98
C ASN B 136 -7.86 0.97 -14.96
N PHE B 137 -7.17 0.07 -14.25
CA PHE B 137 -6.11 0.51 -13.34
C PHE B 137 -5.07 1.32 -14.08
N LYS B 138 -4.58 0.81 -15.22
CA LYS B 138 -3.56 1.52 -15.98
C LYS B 138 -4.07 2.86 -16.48
N ARG B 139 -5.31 2.91 -16.96
CA ARG B 139 -5.85 4.16 -17.49
C ARG B 139 -6.01 5.21 -16.40
N VAL B 140 -6.55 4.81 -15.24
CA VAL B 140 -6.71 5.75 -14.14
C VAL B 140 -5.35 6.24 -13.64
N LEU B 141 -4.38 5.32 -13.54
CA LEU B 141 -3.05 5.71 -13.11
C LEU B 141 -2.41 6.68 -14.09
N GLN B 142 -2.58 6.44 -15.39
CA GLN B 142 -2.02 7.36 -16.39
C GLN B 142 -2.69 8.72 -16.34
N LEU B 143 -4.01 8.75 -16.12
CA LEU B 143 -4.70 10.02 -15.99
C LEU B 143 -4.19 10.79 -14.77
N LEU B 144 -3.94 10.09 -13.67
CA LEU B 144 -3.41 10.76 -12.48
C LEU B 144 -1.98 11.23 -12.72
N ILE B 145 -1.19 10.47 -13.48
CA ILE B 145 0.18 10.88 -13.80
C ILE B 145 0.18 12.13 -14.66
N ASN B 146 -0.73 12.20 -15.64
CA ASN B 146 -0.74 13.34 -16.55
C ASN B 146 -1.14 14.64 -15.85
N GLU B 147 -1.90 14.55 -14.76
CA GLU B 147 -2.34 15.73 -14.04
C GLU B 147 -1.36 16.16 -12.95
N ASP B 148 -0.18 15.56 -12.91
CA ASP B 148 0.86 15.90 -11.93
C ASP B 148 2.14 16.18 -12.71
N SER B 149 2.68 17.38 -12.53
CA SER B 149 3.81 17.83 -13.36
C SER B 149 5.03 16.93 -13.16
N PHE B 150 5.36 16.59 -11.91
CA PHE B 150 6.51 15.74 -11.65
C PHE B 150 6.31 14.35 -12.27
N CYS B 151 5.12 13.78 -12.07
CA CYS B 151 4.84 12.46 -12.62
C CYS B 151 4.85 12.49 -14.15
N ARG B 152 4.21 13.50 -14.73
CA ARG B 152 4.28 13.66 -16.18
C ARG B 152 5.72 13.79 -16.65
N GLU B 153 6.59 14.35 -15.82
CA GLU B 153 7.99 14.55 -16.20
C GLU B 153 8.77 13.24 -16.16
N CYS B 154 8.60 12.42 -15.13
CA CYS B 154 9.54 11.33 -14.89
C CYS B 154 8.92 9.95 -14.69
N VAL B 155 7.60 9.79 -14.86
CA VAL B 155 6.95 8.51 -14.60
C VAL B 155 6.38 7.95 -15.90
N GLU B 156 6.58 6.66 -16.13
CA GLU B 156 6.08 5.97 -17.30
C GLU B 156 5.53 4.60 -16.92
N ILE B 157 4.44 4.19 -17.58
CA ILE B 157 3.91 2.84 -17.46
C ILE B 157 4.51 2.00 -18.59
N LEU B 158 5.15 0.89 -18.23
CA LEU B 158 5.86 0.08 -19.21
C LEU B 158 4.91 -0.51 -20.24
N ARG B 159 5.39 -0.60 -21.48
CA ARG B 159 4.58 -1.03 -22.61
C ARG B 159 4.39 -2.54 -22.68
N GLN B 160 5.49 -3.28 -22.73
CA GLN B 160 5.45 -4.68 -23.13
C GLN B 160 4.66 -5.52 -22.13
N ALA B 161 4.19 -6.67 -22.62
CA ALA B 161 3.46 -7.62 -21.80
C ALA B 161 4.43 -8.61 -21.16
C ACT C . 9.98 0.87 20.76
O ACT C . 8.77 1.04 20.47
OXT ACT C . 11.00 1.44 20.28
CH3 ACT C . 10.25 -0.21 21.86
C ACT D . 14.17 13.83 -15.00
O ACT D . 14.78 13.35 -14.01
OXT ACT D . 13.51 13.22 -15.89
CH3 ACT D . 14.24 15.38 -15.14
P1 C2E E . 0.90 -2.53 -0.82
O2P C2E E . 2.32 -3.06 -0.85
O1P C2E E . 0.04 -3.73 -1.15
O5' C2E E . 0.39 -2.08 0.67
C5' C2E E . -0.99 -1.93 0.86
C4' C2E E . -1.22 -1.08 2.14
O4' C2E E . -0.75 -1.72 3.18
C3' C2E E . -0.44 0.24 2.08
O3' C2E E . -1.21 1.20 1.51
C2' C2E E . -0.19 0.54 3.56
O2' C2E E . -1.39 1.19 4.18
C1' C2E E . 0.00 -0.62 4.12
N9 C2E E . 1.41 -0.92 4.19
C8 C2E E . 2.07 -1.63 3.26
N7 C2E E . 3.34 -1.67 3.72
C5 C2E E . 3.41 -1.00 4.88
C6 C2E E . 4.58 -0.73 5.84
O6 C2E E . 5.66 -1.13 5.60
N1 C2E E . 4.35 0.02 7.04
C2 C2E E . 3.04 0.52 7.34
N2 C2E E . 2.81 1.28 8.55
N3 C2E E . 1.93 0.25 6.43
C4 C2E E . 2.18 -0.53 5.19
P11 C2E E . -0.34 2.50 0.99
O21 C2E E . 0.39 3.29 2.05
O11 C2E E . -1.35 3.47 0.41
O5A C2E E . 0.59 1.97 -0.28
C5A C2E E . -0.20 1.72 -1.42
C4A C2E E . 0.63 1.12 -2.47
O4A C2E E . 1.57 1.95 -2.85
C3A C2E E . 1.43 -0.24 -1.89
O3A C2E E . 0.56 -1.45 -2.01
C2A C2E E . 2.42 -0.36 -2.59
O2A C2E E . 2.09 -1.06 -3.88
C1A C2E E . 2.85 1.16 -2.92
N91 C2E E . 3.70 1.60 -2.02
C81 C2E E . 3.50 2.31 -0.90
N71 C2E E . 4.71 2.49 -0.32
C51 C2E E . 5.62 1.89 -1.08
C61 C2E E . 7.13 1.76 -0.93
O61 C2E E . 7.68 2.26 -0.01
N11 C2E E . 7.89 1.05 -1.92
C21 C2E E . 7.22 0.46 -3.04
N21 C2E E . 7.99 -0.27 -4.04
N31 C2E E . 5.78 0.58 -3.19
C41 C2E E . 4.99 1.33 -2.15
#